data_9H13
#
_entry.id   9H13
#
_cell.length_a   122.553
_cell.length_b   122.553
_cell.length_c   160.430
_cell.angle_alpha   90.000
_cell.angle_beta   90.000
_cell.angle_gamma   120.000
#
_symmetry.space_group_name_H-M   'P 65 2 2'
#
loop_
_entity.id
_entity.type
_entity.pdbx_description
1 polymer Beta-lactamase
2 non-polymer 'CHLORIDE ION'
3 non-polymer GLYCEROL
4 non-polymer 1,2-ETHANEDIOL
5 non-polymer DI(HYDROXYETHYL)ETHER
6 water water
#
_entity_poly.entity_id   1
_entity_poly.type   'polypeptide(L)'
_entity_poly.pdbx_seq_one_letter_code
;GPKEWQENKSWNAHFTEHKSQGVVVLWNENKQQGFTNNLKRANQAFLPASTF(KCX)IPNSLIALDLGVVKDEHQVFKWD
GQTRDIATWNRDHNLITAMKYSVVPVYQEFARQIGEARMSKMLHAFDYGNEDISGNVDSFWLDGGIRISATEQISFLRKL
YHNKLHVSERSQRIVKQAMLTEANGDYIIRAKTGYDTKIGWWVGWVELDDNVWFFAMNMDMPTSDGLGLRQAITKEVLKQ
EKIIP
;
_entity_poly.pdbx_strand_id   A,B
#
loop_
_chem_comp.id
_chem_comp.type
_chem_comp.name
_chem_comp.formula
CL non-polymer 'CHLORIDE ION' 'Cl -1'
EDO non-polymer 1,2-ETHANEDIOL 'C2 H6 O2'
GOL non-polymer GLYCEROL 'C3 H8 O3'
PEG non-polymer DI(HYDROXYETHYL)ETHER 'C4 H10 O3'
#
# COMPACT_ATOMS: atom_id res chain seq x y z
N GLY A 1 27.86 -7.15 26.06
CA GLY A 1 26.92 -7.43 24.99
C GLY A 1 26.59 -6.21 24.13
N PRO A 2 25.92 -6.45 23.01
CA PRO A 2 25.59 -5.35 22.10
C PRO A 2 24.55 -4.42 22.71
N LYS A 3 24.44 -3.23 22.13
CA LYS A 3 23.58 -2.19 22.67
C LYS A 3 22.24 -2.15 21.94
N GLU A 4 21.14 -2.11 22.70
CA GLU A 4 19.84 -1.97 22.07
C GLU A 4 19.71 -0.61 21.40
N TRP A 5 20.26 0.43 22.02
CA TRP A 5 20.13 1.79 21.52
C TRP A 5 21.50 2.42 21.39
N GLN A 6 21.74 3.07 20.25
CA GLN A 6 23.02 3.70 20.00
C GLN A 6 22.79 5.12 19.50
N GLU A 7 23.67 6.04 19.90
CA GLU A 7 23.58 7.42 19.48
C GLU A 7 24.55 7.66 18.34
N ASN A 8 24.08 8.29 17.27
CA ASN A 8 24.91 8.65 16.12
C ASN A 8 24.77 10.16 15.92
N LYS A 9 25.71 10.93 16.49
CA LYS A 9 25.65 12.38 16.38
C LYS A 9 26.01 12.90 14.99
N SER A 10 26.60 12.07 14.12
CA SER A 10 26.90 12.55 12.78
C SER A 10 25.63 12.97 12.02
N TRP A 11 24.46 12.43 12.40
CA TRP A 11 23.22 12.85 11.77
C TRP A 11 22.89 14.32 12.05
N ASN A 12 23.48 14.91 13.09
CA ASN A 12 23.21 16.31 13.39
C ASN A 12 23.57 17.20 12.21
N ALA A 13 24.55 16.79 11.39
CA ALA A 13 24.92 17.56 10.21
C ALA A 13 23.73 17.80 9.30
N HIS A 14 22.78 16.86 9.25
CA HIS A 14 21.61 17.04 8.39
C HIS A 14 20.65 18.07 8.96
N PHE A 15 20.64 18.26 10.29
CA PHE A 15 19.83 19.31 10.90
C PHE A 15 20.52 20.67 10.76
N THR A 16 21.81 20.75 11.07
CA THR A 16 22.53 22.01 11.00
C THR A 16 22.62 22.54 9.58
N GLU A 17 22.62 21.64 8.59
CA GLU A 17 22.59 22.05 7.18
C GLU A 17 21.44 23.02 6.91
N HIS A 18 20.32 22.87 7.60
CA HIS A 18 19.16 23.74 7.42
C HIS A 18 18.92 24.66 8.60
N LYS A 19 19.91 24.83 9.47
CA LYS A 19 19.78 25.65 10.67
C LYS A 19 18.59 25.21 11.49
N SER A 20 18.42 23.90 11.62
CA SER A 20 17.29 23.31 12.31
C SER A 20 17.77 22.46 13.48
N GLN A 21 16.82 22.07 14.32
CA GLN A 21 17.09 21.26 15.50
C GLN A 21 16.02 20.19 15.65
N GLY A 22 16.43 18.98 15.97
CA GLY A 22 15.45 17.90 16.12
C GLY A 22 16.10 16.56 16.35
N VAL A 23 15.28 15.53 16.28
CA VAL A 23 15.72 14.15 16.50
C VAL A 23 15.15 13.26 15.42
N VAL A 24 15.97 12.34 14.93
CA VAL A 24 15.51 11.21 14.13
C VAL A 24 15.81 9.95 14.93
N VAL A 25 14.83 9.05 15.01
CA VAL A 25 14.98 7.77 15.68
C VAL A 25 14.70 6.70 14.64
N LEU A 26 15.58 5.71 14.52
CA LEU A 26 15.39 4.59 13.62
C LEU A 26 15.38 3.29 14.42
N TRP A 27 14.59 2.31 13.97
CA TRP A 27 14.56 1.00 14.59
C TRP A 27 14.71 -0.05 13.50
N ASN A 28 15.75 -0.87 13.61
CA ASN A 28 15.99 -1.96 12.67
C ASN A 28 15.27 -3.18 13.22
N GLU A 29 14.19 -3.59 12.55
CA GLU A 29 13.35 -4.65 13.10
C GLU A 29 14.08 -5.98 13.17
N ASN A 30 14.81 -6.35 12.11
CA ASN A 30 15.53 -7.63 12.11
C ASN A 30 16.55 -7.70 13.24
N LYS A 31 17.31 -6.62 13.43
CA LYS A 31 18.37 -6.64 14.43
C LYS A 31 17.87 -6.33 15.84
N GLN A 32 16.66 -5.80 15.96
N GLN A 32 16.66 -5.81 15.97
CA GLN A 32 16.12 -5.32 17.22
CA GLN A 32 16.15 -5.37 17.27
C GLN A 32 17.08 -4.34 17.88
C GLN A 32 17.06 -4.32 17.90
N GLN A 33 17.50 -3.35 17.09
CA GLN A 33 18.37 -2.28 17.54
C GLN A 33 17.89 -0.95 17.01
N GLY A 34 18.08 0.08 17.82
CA GLY A 34 17.66 1.43 17.51
C GLY A 34 18.83 2.40 17.49
N PHE A 35 18.64 3.52 16.77
CA PHE A 35 19.68 4.50 16.51
C PHE A 35 19.05 5.88 16.50
N THR A 36 19.74 6.86 17.08
CA THR A 36 19.21 8.22 17.10
C THR A 36 20.38 9.21 17.23
N ASN A 37 20.16 10.43 16.76
CA ASN A 37 21.15 11.47 16.99
C ASN A 37 21.07 12.12 18.36
N ASN A 38 20.02 11.82 19.15
CA ASN A 38 19.80 12.57 20.38
C ASN A 38 18.95 11.68 21.30
N LEU A 39 19.62 10.93 22.19
CA LEU A 39 18.91 9.98 23.05
C LEU A 39 17.92 10.70 23.97
N LYS A 40 18.30 11.85 24.50
CA LYS A 40 17.39 12.56 25.39
C LYS A 40 16.12 12.97 24.66
N ARG A 41 16.27 13.70 23.54
CA ARG A 41 15.09 14.19 22.85
C ARG A 41 14.27 13.04 22.28
N ALA A 42 14.91 11.93 21.92
CA ALA A 42 14.18 10.76 21.43
C ALA A 42 13.15 10.31 22.45
N ASN A 43 13.39 10.53 23.73
CA ASN A 43 12.50 10.07 24.78
C ASN A 43 11.70 11.19 25.44
N GLN A 44 11.79 12.41 24.94
CA GLN A 44 10.97 13.50 25.47
C GLN A 44 9.62 13.51 24.79
N ALA A 45 8.61 13.94 25.53
CA ALA A 45 7.23 13.81 25.06
C ALA A 45 6.71 15.14 24.53
N PHE A 46 6.07 15.09 23.36
CA PHE A 46 5.55 16.27 22.70
C PHE A 46 4.10 16.00 22.31
N LEU A 47 3.36 17.07 21.99
CA LEU A 47 2.05 16.90 21.37
C LEU A 47 2.20 16.09 20.09
N PRO A 48 1.33 15.10 19.85
CA PRO A 48 1.46 14.30 18.62
C PRO A 48 1.02 15.05 17.38
N ALA A 49 0.21 16.11 17.53
CA ALA A 49 -0.32 16.83 16.37
C ALA A 49 -0.94 15.85 15.38
N SER A 50 -0.77 16.06 14.08
N SER A 50 -0.71 16.07 14.09
CA SER A 50 -1.51 15.23 13.13
CA SER A 50 -1.37 15.31 13.05
C SER A 50 -1.02 13.79 13.06
C SER A 50 -0.98 13.83 13.02
N THR A 51 0.08 13.43 13.73
CA THR A 51 0.37 12.00 13.83
C THR A 51 -0.72 11.27 14.61
N PHE A 52 -1.52 12.02 15.37
CA PHE A 52 -2.62 11.41 16.09
C PHE A 52 -3.68 10.87 15.13
N KCX A 53 -3.60 11.25 13.85
CA KCX A 53 -4.56 10.70 12.89
CB KCX A 53 -4.50 11.43 11.54
CG KCX A 53 -5.05 12.86 11.61
CD KCX A 53 -5.00 13.61 10.29
CE KCX A 53 -5.71 14.98 10.40
NZ KCX A 53 -4.98 15.90 11.31
C KCX A 53 -4.43 9.19 12.77
O KCX A 53 -5.36 8.50 12.35
CX KCX A 53 -5.37 16.08 12.59
OQ1 KCX A 53 -6.37 15.49 13.03
OQ2 KCX A 53 -4.73 16.85 13.32
N ILE A 54 -3.27 8.63 13.14
CA ILE A 54 -3.13 7.18 13.14
C ILE A 54 -4.06 6.53 14.18
N PRO A 55 -3.87 6.80 15.49
CA PRO A 55 -4.80 6.19 16.46
C PRO A 55 -6.24 6.65 16.27
N ASN A 56 -6.46 7.91 15.89
CA ASN A 56 -7.83 8.39 15.69
C ASN A 56 -8.53 7.58 14.60
N SER A 57 -7.83 7.31 13.49
CA SER A 57 -8.41 6.48 12.43
C SER A 57 -8.72 5.07 12.93
N LEU A 58 -7.79 4.47 13.69
CA LEU A 58 -8.01 3.10 14.18
C LEU A 58 -9.25 3.03 15.05
N ILE A 59 -9.40 4.00 15.95
CA ILE A 59 -10.53 4.02 16.87
C ILE A 59 -11.84 4.26 16.11
N ALA A 60 -11.84 5.22 15.19
CA ALA A 60 -13.05 5.49 14.42
C ALA A 60 -13.49 4.25 13.63
N LEU A 61 -12.54 3.54 13.01
CA LEU A 61 -12.89 2.33 12.28
C LEU A 61 -13.41 1.24 13.22
N ASP A 62 -12.72 1.03 14.33
CA ASP A 62 -13.09 -0.11 15.19
C ASP A 62 -14.46 0.12 15.83
N LEU A 63 -14.82 1.36 16.09
CA LEU A 63 -16.12 1.68 16.66
C LEU A 63 -17.23 1.82 15.62
N GLY A 64 -16.90 1.75 14.33
CA GLY A 64 -17.89 1.90 13.29
C GLY A 64 -18.26 3.34 12.99
N VAL A 65 -17.55 4.31 13.56
CA VAL A 65 -17.77 5.71 13.19
C VAL A 65 -17.44 5.92 11.72
N VAL A 66 -16.37 5.29 11.26
CA VAL A 66 -16.04 5.19 9.83
C VAL A 66 -16.26 3.75 9.41
N LYS A 67 -17.07 3.54 8.37
CA LYS A 67 -17.41 2.19 7.95
C LYS A 67 -16.27 1.51 7.18
N ASP A 68 -15.61 2.26 6.30
CA ASP A 68 -14.51 1.73 5.48
C ASP A 68 -13.79 2.92 4.88
N GLU A 69 -12.76 2.63 4.08
CA GLU A 69 -11.92 3.68 3.52
C GLU A 69 -12.57 4.41 2.35
N HIS A 70 -13.80 4.02 1.95
CA HIS A 70 -14.52 4.64 0.85
C HIS A 70 -15.60 5.62 1.32
N GLN A 71 -16.04 5.51 2.57
CA GLN A 71 -17.10 6.37 3.07
C GLN A 71 -16.70 7.83 2.88
N VAL A 72 -17.62 8.63 2.34
CA VAL A 72 -17.34 10.03 2.02
C VAL A 72 -17.75 10.91 3.19
N PHE A 73 -16.84 11.81 3.58
CA PHE A 73 -17.11 12.85 4.57
C PHE A 73 -17.23 14.14 3.77
N LYS A 74 -18.46 14.63 3.59
CA LYS A 74 -18.69 15.76 2.73
C LYS A 74 -18.14 17.04 3.36
N TRP A 75 -17.58 17.90 2.51
CA TRP A 75 -17.14 19.21 2.95
C TRP A 75 -18.29 19.98 3.59
N ASP A 76 -18.02 20.63 4.72
CA ASP A 76 -19.06 21.41 5.40
C ASP A 76 -19.34 22.77 4.78
N GLY A 77 -18.68 23.11 3.68
CA GLY A 77 -18.90 24.37 3.01
C GLY A 77 -18.16 25.56 3.58
N GLN A 78 -17.34 25.38 4.61
CA GLN A 78 -16.56 26.47 5.17
C GLN A 78 -15.20 26.52 4.47
N THR A 79 -14.89 27.66 3.86
CA THR A 79 -13.64 27.79 3.10
C THR A 79 -12.49 28.01 4.07
N ARG A 80 -11.61 27.02 4.18
CA ARG A 80 -10.46 27.07 5.06
C ARG A 80 -9.20 27.42 4.28
N ASP A 81 -8.12 27.70 5.02
CA ASP A 81 -6.90 28.23 4.40
C ASP A 81 -6.18 27.21 3.53
N ILE A 82 -6.33 25.92 3.84
CA ILE A 82 -5.68 24.87 3.10
C ILE A 82 -6.65 24.39 2.02
N ALA A 83 -6.31 24.67 0.76
CA ALA A 83 -7.26 24.47 -0.33
C ALA A 83 -7.73 23.02 -0.42
N THR A 84 -6.83 22.05 -0.18
CA THR A 84 -7.23 20.65 -0.32
C THR A 84 -8.23 20.21 0.74
N TRP A 85 -8.45 21.01 1.79
CA TRP A 85 -9.46 20.68 2.78
C TRP A 85 -10.87 21.06 2.32
N ASN A 86 -10.98 21.91 1.30
CA ASN A 86 -12.26 22.46 0.88
C ASN A 86 -12.94 21.58 -0.17
N ARG A 87 -13.08 20.30 0.16
CA ARG A 87 -13.64 19.31 -0.75
C ARG A 87 -14.06 18.09 0.06
N ASP A 88 -14.82 17.21 -0.58
CA ASP A 88 -15.20 15.94 0.03
C ASP A 88 -13.96 15.05 0.17
N HIS A 89 -13.96 14.22 1.21
CA HIS A 89 -12.83 13.34 1.47
C HIS A 89 -13.30 11.97 1.89
N ASN A 90 -12.42 10.98 1.74
CA ASN A 90 -12.58 9.70 2.40
C ASN A 90 -11.40 9.54 3.36
N LEU A 91 -11.30 8.36 3.99
CA LEU A 91 -10.23 8.16 4.96
C LEU A 91 -8.85 8.27 4.31
N ILE A 92 -8.71 7.73 3.09
CA ILE A 92 -7.42 7.80 2.39
C ILE A 92 -7.02 9.24 2.15
N THR A 93 -7.91 10.03 1.55
CA THR A 93 -7.54 11.41 1.23
C THR A 93 -7.48 12.29 2.47
N ALA A 94 -8.30 12.00 3.49
CA ALA A 94 -8.24 12.80 4.71
C ALA A 94 -6.89 12.61 5.40
N MET A 95 -6.34 11.41 5.35
N MET A 95 -6.37 11.39 5.38
CA MET A 95 -5.01 11.23 5.92
CA MET A 95 -5.01 11.15 5.88
C MET A 95 -3.94 11.86 5.03
C MET A 95 -3.99 11.89 5.03
N LYS A 96 -4.06 11.69 3.71
CA LYS A 96 -3.05 12.24 2.78
C LYS A 96 -2.91 13.75 2.93
N TYR A 97 -4.02 14.46 3.06
CA TYR A 97 -4.00 15.92 3.15
C TYR A 97 -4.12 16.41 4.59
N SER A 98 -4.07 15.52 5.57
N SER A 98 -4.12 15.50 5.55
CA SER A 98 -4.13 15.87 6.98
CA SER A 98 -4.14 15.84 6.97
C SER A 98 -5.33 16.77 7.29
C SER A 98 -5.31 16.75 7.31
N VAL A 99 -6.52 16.30 6.93
CA VAL A 99 -7.71 17.14 6.99
C VAL A 99 -8.28 17.22 8.40
N VAL A 100 -7.79 18.21 9.16
CA VAL A 100 -8.20 18.38 10.56
C VAL A 100 -9.71 18.33 10.78
N PRO A 101 -10.54 19.09 10.05
N PRO A 101 -10.55 19.08 10.04
CA PRO A 101 -11.98 19.09 10.36
CA PRO A 101 -11.98 19.09 10.36
C PRO A 101 -12.64 17.73 10.24
C PRO A 101 -12.65 17.73 10.24
N VAL A 102 -12.18 16.88 9.32
CA VAL A 102 -12.73 15.53 9.22
C VAL A 102 -12.45 14.75 10.50
N TYR A 103 -11.22 14.83 11.00
CA TYR A 103 -10.84 14.08 12.19
C TYR A 103 -11.43 14.67 13.47
N GLN A 104 -11.69 15.98 13.49
CA GLN A 104 -12.42 16.55 14.62
C GLN A 104 -13.81 15.93 14.71
N GLU A 105 -14.47 15.72 13.57
CA GLU A 105 -15.78 15.09 13.57
C GLU A 105 -15.68 13.65 14.10
N PHE A 106 -14.67 12.90 13.65
CA PHE A 106 -14.47 11.55 14.20
C PHE A 106 -14.36 11.60 15.72
N ALA A 107 -13.55 12.53 16.23
CA ALA A 107 -13.30 12.59 17.67
C ALA A 107 -14.55 12.90 18.45
N ARG A 108 -15.38 13.83 17.95
CA ARG A 108 -16.65 14.12 18.61
C ARG A 108 -17.56 12.89 18.65
N GLN A 109 -17.60 12.11 17.56
CA GLN A 109 -18.45 10.93 17.55
C GLN A 109 -17.92 9.86 18.50
N ILE A 110 -16.60 9.68 18.53
CA ILE A 110 -16.00 8.73 19.46
C ILE A 110 -16.33 9.10 20.90
N GLY A 111 -16.12 10.38 21.24
CA GLY A 111 -16.45 10.90 22.55
C GLY A 111 -15.33 10.66 23.55
N GLU A 112 -15.41 11.38 24.67
CA GLU A 112 -14.33 11.38 25.66
C GLU A 112 -14.11 10.01 26.28
N ALA A 113 -15.18 9.36 26.74
CA ALA A 113 -15.01 8.09 27.46
C ALA A 113 -14.34 7.03 26.58
N ARG A 114 -14.82 6.89 25.34
N ARG A 114 -14.80 6.89 25.34
CA ARG A 114 -14.26 5.87 24.45
CA ARG A 114 -14.24 5.84 24.49
C ARG A 114 -12.85 6.22 24.03
C ARG A 114 -12.85 6.21 23.97
N MET A 115 -12.59 7.50 23.77
CA MET A 115 -11.26 7.92 23.34
C MET A 115 -10.24 7.63 24.42
N SER A 116 -10.56 7.98 25.66
CA SER A 116 -9.65 7.71 26.78
C SER A 116 -9.43 6.22 26.96
N LYS A 117 -10.50 5.42 26.89
CA LYS A 117 -10.39 3.98 27.06
C LYS A 117 -9.49 3.36 25.99
N MET A 118 -9.62 3.82 24.75
N MET A 118 -9.64 3.82 24.74
CA MET A 118 -8.84 3.22 23.66
CA MET A 118 -8.87 3.27 23.63
C MET A 118 -7.38 3.63 23.72
C MET A 118 -7.39 3.62 23.76
N LEU A 119 -7.08 4.87 24.11
CA LEU A 119 -5.68 5.26 24.26
C LEU A 119 -5.01 4.50 25.39
N HIS A 120 -5.76 4.23 26.48
CA HIS A 120 -5.25 3.36 27.53
C HIS A 120 -4.96 1.96 26.98
N ALA A 121 -5.88 1.41 26.18
CA ALA A 121 -5.68 0.08 25.62
C ALA A 121 -4.51 0.03 24.65
N PHE A 122 -4.23 1.14 23.97
CA PHE A 122 -3.11 1.26 23.05
C PHE A 122 -1.78 1.52 23.74
N ASP A 123 -1.79 1.80 25.04
CA ASP A 123 -0.58 2.28 25.72
C ASP A 123 0.01 3.50 25.02
N TYR A 124 -0.85 4.42 24.59
CA TYR A 124 -0.42 5.48 23.68
C TYR A 124 0.08 6.69 24.46
N GLY A 125 1.39 6.89 24.47
CA GLY A 125 1.94 8.08 25.12
C GLY A 125 1.55 8.15 26.58
N ASN A 126 1.19 9.36 27.03
CA ASN A 126 0.78 9.53 28.41
C ASN A 126 -0.69 9.22 28.64
N GLU A 127 -1.40 8.80 27.60
CA GLU A 127 -2.79 8.32 27.67
C GLU A 127 -3.77 9.39 28.16
N ASP A 128 -3.41 10.68 28.08
CA ASP A 128 -4.13 11.77 28.73
C ASP A 128 -4.84 12.58 27.67
N ILE A 129 -6.17 12.57 27.67
CA ILE A 129 -6.93 13.30 26.66
C ILE A 129 -7.41 14.67 27.16
N SER A 130 -6.84 15.16 28.27
CA SER A 130 -7.26 16.43 28.84
C SER A 130 -7.28 17.53 27.80
N GLY A 131 -8.36 18.33 27.83
CA GLY A 131 -8.56 19.36 26.83
C GLY A 131 -9.83 19.09 26.05
N ASN A 132 -9.96 19.69 24.87
CA ASN A 132 -11.16 19.52 24.07
C ASN A 132 -11.14 18.16 23.38
N VAL A 133 -12.28 17.46 23.38
CA VAL A 133 -12.32 16.13 22.80
C VAL A 133 -11.91 16.16 21.33
N ASP A 134 -12.13 17.30 20.64
CA ASP A 134 -11.80 17.43 19.23
C ASP A 134 -10.55 18.25 18.95
N SER A 135 -9.71 18.51 19.97
CA SER A 135 -8.44 19.17 19.67
C SER A 135 -7.32 18.82 20.64
N PHE A 136 -7.49 17.83 21.53
CA PHE A 136 -6.49 17.65 22.58
C PHE A 136 -5.13 17.23 22.02
N TRP A 137 -5.07 16.67 20.81
CA TRP A 137 -3.80 16.29 20.22
C TRP A 137 -3.07 17.46 19.60
N LEU A 138 -3.72 18.62 19.49
CA LEU A 138 -3.10 19.84 18.98
C LEU A 138 -2.86 20.89 20.06
N ASP A 139 -3.67 20.90 21.12
CA ASP A 139 -3.54 21.95 22.13
C ASP A 139 -3.97 21.48 23.52
N GLY A 140 -4.04 20.17 23.75
CA GLY A 140 -4.44 19.62 25.03
C GLY A 140 -3.31 18.90 25.75
N GLY A 141 -3.67 17.87 26.51
CA GLY A 141 -2.73 17.27 27.44
C GLY A 141 -2.00 16.04 26.98
N ILE A 142 -2.32 15.51 25.79
N ILE A 142 -2.34 15.51 25.80
CA ILE A 142 -1.70 14.27 25.34
CA ILE A 142 -1.71 14.27 25.33
C ILE A 142 -0.26 14.53 24.91
C ILE A 142 -0.26 14.54 24.92
N ARG A 143 0.63 13.59 25.26
CA ARG A 143 2.04 13.71 24.93
C ARG A 143 2.58 12.34 24.53
N ILE A 144 3.49 12.32 23.57
CA ILE A 144 4.13 11.08 23.15
C ILE A 144 5.55 11.39 22.70
N SER A 145 6.49 10.47 22.99
CA SER A 145 7.86 10.63 22.53
C SER A 145 8.10 9.89 21.21
N ALA A 146 9.23 10.20 20.59
CA ALA A 146 9.56 9.52 19.34
C ALA A 146 9.75 8.01 19.56
N THR A 147 10.39 7.62 20.67
N THR A 147 10.38 7.65 20.68
CA THR A 147 10.52 6.18 20.92
CA THR A 147 10.54 6.23 20.99
C THR A 147 9.18 5.55 21.21
C THR A 147 9.19 5.56 21.21
N GLU A 148 8.26 6.27 21.86
CA GLU A 148 6.91 5.74 22.08
C GLU A 148 6.17 5.63 20.75
N GLN A 149 6.38 6.56 19.82
CA GLN A 149 5.79 6.42 18.50
C GLN A 149 6.27 5.14 17.83
N ILE A 150 7.57 4.85 17.91
CA ILE A 150 8.08 3.61 17.31
C ILE A 150 7.41 2.39 17.93
N SER A 151 7.29 2.35 19.26
N SER A 151 7.30 2.35 19.26
CA SER A 151 6.68 1.20 19.91
CA SER A 151 6.67 1.21 19.92
C SER A 151 5.23 1.02 19.46
C SER A 151 5.24 1.02 19.45
N PHE A 152 4.49 2.12 19.36
CA PHE A 152 3.12 2.07 18.85
C PHE A 152 3.08 1.58 17.41
N LEU A 153 3.96 2.13 16.56
CA LEU A 153 3.96 1.74 15.15
C LEU A 153 4.34 0.29 14.96
N ARG A 154 5.26 -0.23 15.80
CA ARG A 154 5.62 -1.64 15.72
C ARG A 154 4.42 -2.53 16.01
N LYS A 155 3.62 -2.16 17.02
CA LYS A 155 2.41 -2.92 17.32
C LYS A 155 1.45 -2.89 16.13
N LEU A 156 1.28 -1.71 15.52
CA LEU A 156 0.41 -1.59 14.36
C LEU A 156 0.90 -2.47 13.21
N TYR A 157 2.22 -2.43 12.93
CA TYR A 157 2.78 -3.24 11.86
C TYR A 157 2.46 -4.73 12.07
N HIS A 158 2.54 -5.19 13.32
CA HIS A 158 2.35 -6.60 13.64
C HIS A 158 0.92 -6.94 14.00
N ASN A 159 -0.02 -6.01 13.80
CA ASN A 159 -1.45 -6.22 14.12
C ASN A 159 -1.67 -6.55 15.59
N LYS A 160 -0.84 -5.97 16.45
N LYS A 160 -0.83 -5.98 16.45
CA LYS A 160 -0.89 -6.29 17.87
CA LYS A 160 -0.88 -6.29 17.88
C LYS A 160 -1.62 -5.25 18.71
C LYS A 160 -1.70 -5.30 18.69
N LEU A 161 -2.13 -4.18 18.10
CA LEU A 161 -2.97 -3.24 18.84
C LEU A 161 -4.32 -3.88 19.14
N HIS A 162 -4.96 -3.31 20.18
N HIS A 162 -5.00 -3.40 20.18
CA HIS A 162 -6.26 -3.71 20.75
CA HIS A 162 -6.16 -4.17 20.63
C HIS A 162 -7.44 -3.17 19.95
C HIS A 162 -7.33 -4.18 19.63
N VAL A 163 -7.34 -3.28 18.64
CA VAL A 163 -8.47 -3.11 17.74
C VAL A 163 -8.40 -4.27 16.74
N SER A 164 -9.42 -4.39 15.89
CA SER A 164 -9.48 -5.51 14.97
C SER A 164 -8.30 -5.48 13.99
N GLU A 165 -7.93 -6.68 13.51
CA GLU A 165 -6.94 -6.74 12.43
C GLU A 165 -7.40 -5.92 11.23
N ARG A 166 -8.70 -5.96 10.91
CA ARG A 166 -9.22 -5.18 9.80
C ARG A 166 -8.93 -3.70 9.95
N SER A 167 -9.21 -3.14 11.14
CA SER A 167 -8.95 -1.71 11.35
C SER A 167 -7.47 -1.40 11.15
N GLN A 168 -6.60 -2.29 11.61
CA GLN A 168 -5.17 -2.07 11.46
C GLN A 168 -4.73 -2.12 10.00
N ARG A 169 -5.26 -3.07 9.23
CA ARG A 169 -4.91 -3.13 7.81
C ARG A 169 -5.41 -1.91 7.05
N ILE A 170 -6.62 -1.42 7.38
CA ILE A 170 -7.13 -0.25 6.67
C ILE A 170 -6.24 0.95 6.94
N VAL A 171 -5.83 1.14 8.19
CA VAL A 171 -5.01 2.31 8.53
C VAL A 171 -3.62 2.19 7.90
N LYS A 172 -3.04 0.99 7.87
CA LYS A 172 -1.77 0.82 7.19
C LYS A 172 -1.88 1.13 5.71
N GLN A 173 -3.00 0.78 5.08
CA GLN A 173 -3.23 1.16 3.70
C GLN A 173 -3.27 2.68 3.56
N ALA A 174 -4.02 3.35 4.45
CA ALA A 174 -4.15 4.80 4.40
C ALA A 174 -2.84 5.52 4.66
N MET A 175 -1.91 4.89 5.37
CA MET A 175 -0.61 5.51 5.63
C MET A 175 0.33 5.44 4.43
N LEU A 176 -0.03 4.73 3.36
CA LEU A 176 0.88 4.60 2.23
C LEU A 176 1.26 5.98 1.71
N THR A 177 2.56 6.22 1.61
CA THR A 177 3.07 7.51 1.19
C THR A 177 3.88 7.42 -0.09
N GLU A 178 4.74 6.42 -0.22
CA GLU A 178 5.59 6.29 -1.40
C GLU A 178 5.93 4.82 -1.59
N ALA A 179 6.06 4.41 -2.85
CA ALA A 179 6.47 3.04 -3.14
C ALA A 179 7.12 2.97 -4.51
N ASN A 180 8.14 2.13 -4.61
CA ASN A 180 8.82 1.84 -5.85
C ASN A 180 9.49 0.48 -5.71
N GLY A 181 10.34 0.13 -6.67
CA GLY A 181 10.98 -1.18 -6.62
C GLY A 181 12.02 -1.34 -5.54
N ASP A 182 12.36 -0.26 -4.84
CA ASP A 182 13.39 -0.30 -3.80
C ASP A 182 12.80 -0.30 -2.39
N TYR A 183 11.65 0.34 -2.17
CA TYR A 183 11.12 0.45 -0.82
C TYR A 183 9.66 0.87 -0.86
N ILE A 184 9.01 0.72 0.29
CA ILE A 184 7.67 1.23 0.54
C ILE A 184 7.74 2.06 1.82
N ILE A 185 7.19 3.28 1.79
CA ILE A 185 7.09 4.10 3.00
C ILE A 185 5.62 4.23 3.38
N ARG A 186 5.31 3.86 4.63
CA ARG A 186 4.01 4.12 5.24
C ARG A 186 4.26 5.07 6.39
N ALA A 187 3.59 6.22 6.40
CA ALA A 187 3.99 7.25 7.35
C ALA A 187 2.87 8.27 7.52
N LYS A 188 3.05 9.14 8.52
CA LYS A 188 2.13 10.24 8.77
C LYS A 188 2.91 11.47 9.24
N THR A 189 2.65 12.61 8.63
CA THR A 189 3.25 13.87 9.07
C THR A 189 2.44 14.48 10.22
N GLY A 190 3.08 15.37 10.96
CA GLY A 190 2.37 16.15 11.96
C GLY A 190 2.97 17.53 12.10
N TYR A 191 2.14 18.48 12.53
CA TYR A 191 2.58 19.87 12.67
C TYR A 191 1.60 20.60 13.59
N ASP A 192 2.12 21.23 14.64
CA ASP A 192 1.28 21.91 15.63
C ASP A 192 1.57 23.41 15.73
N THR A 193 2.22 23.98 14.71
CA THR A 193 2.71 25.36 14.61
C THR A 193 4.02 25.56 15.39
N LYS A 194 4.49 24.59 16.14
CA LYS A 194 5.71 24.70 16.92
C LYS A 194 6.69 23.57 16.65
N ILE A 195 6.18 22.35 16.48
CA ILE A 195 6.99 21.15 16.26
C ILE A 195 6.45 20.47 15.01
N GLY A 196 7.35 19.86 14.25
CA GLY A 196 6.96 19.03 13.11
C GLY A 196 7.36 17.59 13.35
N TRP A 197 6.52 16.66 12.89
CA TRP A 197 6.80 15.23 13.03
C TRP A 197 6.76 14.55 11.68
N TRP A 198 7.49 13.44 11.55
CA TRP A 198 7.20 12.43 10.53
C TRP A 198 7.46 11.09 11.19
N VAL A 199 6.47 10.20 11.17
CA VAL A 199 6.60 8.90 11.82
C VAL A 199 6.08 7.83 10.88
N GLY A 200 6.69 6.65 10.92
CA GLY A 200 6.22 5.57 10.06
C GLY A 200 7.29 4.50 9.91
N TRP A 201 7.33 3.88 8.74
CA TRP A 201 8.35 2.86 8.51
C TRP A 201 8.66 2.71 7.02
N VAL A 202 9.81 2.10 6.75
CA VAL A 202 10.30 1.79 5.41
C VAL A 202 10.35 0.27 5.29
N GLU A 203 9.55 -0.29 4.39
CA GLU A 203 9.54 -1.73 4.12
C GLU A 203 10.54 -2.04 3.01
N LEU A 204 11.47 -2.93 3.30
CA LEU A 204 12.40 -3.47 2.33
C LEU A 204 12.04 -4.93 2.05
N ASP A 205 12.71 -5.53 1.06
CA ASP A 205 12.45 -6.94 0.74
C ASP A 205 12.59 -7.82 1.97
N ASP A 206 13.60 -7.57 2.81
CA ASP A 206 13.95 -8.53 3.86
C ASP A 206 14.07 -7.90 5.24
N ASN A 207 13.51 -6.70 5.43
CA ASN A 207 13.60 -6.01 6.71
C ASN A 207 12.62 -4.84 6.67
N VAL A 208 12.35 -4.28 7.85
N VAL A 208 12.37 -4.29 7.86
CA VAL A 208 11.59 -3.04 7.95
CA VAL A 208 11.61 -3.06 8.03
C VAL A 208 12.29 -2.13 8.95
C VAL A 208 12.43 -2.15 8.91
N TRP A 209 12.45 -0.86 8.58
CA TRP A 209 13.06 0.17 9.42
C TRP A 209 11.95 1.10 9.87
N PHE A 210 11.68 1.13 11.18
CA PHE A 210 10.72 2.08 11.71
C PHE A 210 11.41 3.41 11.94
N PHE A 211 10.68 4.51 11.81
CA PHE A 211 11.28 5.80 12.07
C PHE A 211 10.30 6.72 12.78
N ALA A 212 10.84 7.64 13.56
CA ALA A 212 10.06 8.71 14.17
C ALA A 212 10.99 9.90 14.33
N MET A 213 10.61 11.03 13.76
CA MET A 213 11.41 12.23 13.86
C MET A 213 10.51 13.38 14.30
N ASN A 214 11.07 14.28 15.11
CA ASN A 214 10.43 15.57 15.32
C ASN A 214 11.48 16.65 15.29
N MET A 215 11.05 17.87 14.99
CA MET A 215 11.99 18.97 14.86
C MET A 215 11.28 20.27 15.17
N ASP A 216 12.05 21.25 15.64
CA ASP A 216 11.50 22.57 15.84
C ASP A 216 11.05 23.13 14.51
N MET A 217 9.81 23.66 14.47
CA MET A 217 9.17 24.10 13.23
C MET A 217 8.52 25.47 13.45
N PRO A 218 9.34 26.52 13.55
CA PRO A 218 8.76 27.86 13.80
C PRO A 218 7.88 28.38 12.69
N THR A 219 8.06 27.91 11.45
N THR A 219 8.08 27.92 11.45
CA THR A 219 7.29 28.38 10.31
CA THR A 219 7.28 28.37 10.32
C THR A 219 6.94 27.20 9.41
C THR A 219 6.91 27.18 9.45
N SER A 220 5.77 27.30 8.77
CA SER A 220 5.34 26.26 7.82
C SER A 220 6.21 26.21 6.58
N ASP A 221 7.03 27.23 6.33
CA ASP A 221 7.92 27.23 5.17
C ASP A 221 8.88 26.03 5.19
N GLY A 222 9.22 25.54 6.37
CA GLY A 222 10.18 24.45 6.47
C GLY A 222 9.56 23.07 6.60
N LEU A 223 8.26 22.92 6.31
CA LEU A 223 7.61 21.64 6.54
C LEU A 223 8.24 20.51 5.74
N GLY A 224 8.70 20.79 4.52
CA GLY A 224 9.34 19.76 3.72
C GLY A 224 10.63 19.22 4.29
N LEU A 225 11.22 19.92 5.27
CA LEU A 225 12.42 19.41 5.93
C LEU A 225 12.16 18.16 6.73
N ARG A 226 10.92 17.92 7.17
CA ARG A 226 10.62 16.72 7.92
C ARG A 226 10.99 15.48 7.11
N GLN A 227 10.52 15.41 5.86
CA GLN A 227 10.86 14.29 5.00
C GLN A 227 12.30 14.39 4.50
N ALA A 228 12.75 15.60 4.19
CA ALA A 228 14.07 15.77 3.57
C ALA A 228 15.18 15.34 4.52
N ILE A 229 15.11 15.77 5.78
CA ILE A 229 16.13 15.40 6.76
C ILE A 229 16.08 13.90 7.04
N THR A 230 14.87 13.37 7.24
CA THR A 230 14.72 11.93 7.46
C THR A 230 15.33 11.14 6.30
N LYS A 231 15.04 11.55 5.07
CA LYS A 231 15.59 10.85 3.91
C LYS A 231 17.10 10.94 3.84
N GLU A 232 17.70 12.06 4.29
CA GLU A 232 19.16 12.14 4.33
C GLU A 232 19.74 11.13 5.32
N VAL A 233 19.07 10.92 6.45
CA VAL A 233 19.51 9.90 7.39
C VAL A 233 19.36 8.51 6.77
N LEU A 234 18.20 8.25 6.15
CA LEU A 234 17.98 6.96 5.52
C LEU A 234 19.01 6.66 4.45
N LYS A 235 19.37 7.68 3.66
CA LYS A 235 20.39 7.50 2.63
C LYS A 235 21.77 7.28 3.24
N GLN A 236 22.11 8.04 4.29
CA GLN A 236 23.40 7.85 4.96
C GLN A 236 23.54 6.42 5.48
N GLU A 237 22.46 5.85 6.01
CA GLU A 237 22.48 4.50 6.57
C GLU A 237 22.25 3.42 5.53
N LYS A 238 22.21 3.78 4.24
CA LYS A 238 22.08 2.84 3.13
C LYS A 238 20.75 2.08 3.17
N ILE A 239 19.72 2.69 3.76
CA ILE A 239 18.40 2.08 3.81
C ILE A 239 17.65 2.30 2.51
N ILE A 240 17.75 3.50 1.93
CA ILE A 240 17.21 3.79 0.62
C ILE A 240 18.35 4.29 -0.25
N PRO A 241 18.28 4.14 -1.58
CA PRO A 241 19.38 4.59 -2.44
C PRO A 241 19.47 6.11 -2.54
N GLY B 1 -26.88 6.83 -27.90
CA GLY B 1 -26.25 7.23 -26.66
C GLY B 1 -24.91 6.55 -26.47
N PRO B 2 -24.21 6.87 -25.39
CA PRO B 2 -22.83 6.38 -25.21
C PRO B 2 -22.77 4.87 -24.98
N LYS B 3 -21.61 4.32 -25.32
CA LYS B 3 -21.35 2.89 -25.28
C LYS B 3 -20.51 2.50 -24.07
N GLU B 4 -20.72 1.29 -23.58
CA GLU B 4 -19.91 0.77 -22.48
C GLU B 4 -18.44 0.73 -22.86
N TRP B 5 -18.14 0.35 -24.12
CA TRP B 5 -16.77 0.24 -24.60
C TRP B 5 -16.58 1.09 -25.85
N GLN B 6 -15.53 1.91 -25.85
CA GLN B 6 -15.12 2.70 -27.00
C GLN B 6 -13.74 2.28 -27.48
N GLU B 7 -13.50 2.39 -28.78
CA GLU B 7 -12.19 2.11 -29.34
C GLU B 7 -11.46 3.43 -29.58
N ASN B 8 -10.22 3.52 -29.10
CA ASN B 8 -9.36 4.67 -29.35
C ASN B 8 -8.11 4.15 -30.06
N LYS B 9 -8.09 4.22 -31.39
CA LYS B 9 -6.98 3.67 -32.13
C LYS B 9 -5.74 4.55 -32.12
N SER B 10 -5.82 5.77 -31.56
CA SER B 10 -4.62 6.60 -31.50
C SER B 10 -3.58 5.98 -30.59
N TRP B 11 -3.99 5.13 -29.64
CA TRP B 11 -3.01 4.46 -28.78
C TRP B 11 -2.13 3.51 -29.58
N ASN B 12 -2.54 3.12 -30.79
CA ASN B 12 -1.70 2.26 -31.60
C ASN B 12 -0.33 2.86 -31.83
N ALA B 13 -0.24 4.19 -31.87
CA ALA B 13 1.06 4.84 -32.05
C ALA B 13 2.07 4.41 -31.00
N HIS B 14 1.60 4.12 -29.78
CA HIS B 14 2.53 3.72 -28.72
C HIS B 14 3.05 2.30 -28.93
N PHE B 15 2.28 1.45 -29.60
CA PHE B 15 2.78 0.13 -29.98
C PHE B 15 3.70 0.21 -31.19
N THR B 16 3.27 0.93 -32.23
CA THR B 16 4.07 1.01 -33.45
C THR B 16 5.38 1.75 -33.22
N GLU B 17 5.41 2.66 -32.24
CA GLU B 17 6.67 3.32 -31.88
C GLU B 17 7.75 2.31 -31.53
N HIS B 18 7.36 1.16 -30.97
CA HIS B 18 8.30 0.12 -30.58
C HIS B 18 8.23 -1.11 -31.48
N LYS B 19 7.66 -0.96 -32.68
CA LYS B 19 7.49 -2.06 -33.63
C LYS B 19 6.84 -3.27 -32.96
N SER B 20 5.85 -3.01 -32.11
CA SER B 20 5.20 -4.05 -31.33
C SER B 20 3.71 -4.05 -31.62
N GLN B 21 3.05 -5.11 -31.14
CA GLN B 21 1.62 -5.34 -31.33
C GLN B 21 1.00 -5.73 -30.01
N GLY B 22 -0.17 -5.18 -29.71
CA GLY B 22 -0.83 -5.54 -28.47
C GLY B 22 -2.08 -4.73 -28.25
N VAL B 23 -2.58 -4.81 -27.01
CA VAL B 23 -3.81 -4.15 -26.62
C VAL B 23 -3.64 -3.54 -25.24
N VAL B 24 -4.16 -2.32 -25.06
CA VAL B 24 -4.36 -1.73 -23.74
C VAL B 24 -5.86 -1.56 -23.54
N VAL B 25 -6.36 -1.94 -22.37
CA VAL B 25 -7.76 -1.79 -22.00
C VAL B 25 -7.80 -0.98 -20.71
N LEU B 26 -8.60 0.08 -20.70
CA LEU B 26 -8.80 0.92 -19.51
C LEU B 26 -10.28 0.92 -19.13
N TRP B 27 -10.55 1.01 -17.82
CA TRP B 27 -11.91 1.14 -17.32
C TRP B 27 -11.96 2.29 -16.32
N ASN B 28 -12.79 3.28 -16.61
CA ASN B 28 -12.97 4.45 -15.74
C ASN B 28 -14.10 4.11 -14.76
N GLU B 29 -13.75 3.91 -13.48
CA GLU B 29 -14.74 3.41 -12.54
C GLU B 29 -15.84 4.42 -12.28
N ASN B 30 -15.50 5.71 -12.14
CA ASN B 30 -16.52 6.72 -11.92
C ASN B 30 -17.52 6.78 -13.06
N LYS B 31 -17.03 6.77 -14.31
CA LYS B 31 -17.90 6.91 -15.47
C LYS B 31 -18.52 5.60 -15.91
N GLN B 32 -18.05 4.47 -15.37
CA GLN B 32 -18.52 3.15 -15.79
C GLN B 32 -18.43 2.99 -17.30
N GLN B 33 -17.25 3.25 -17.83
CA GLN B 33 -17.00 3.19 -19.26
C GLN B 33 -15.60 2.68 -19.51
N GLY B 34 -15.44 1.90 -20.57
CA GLY B 34 -14.15 1.36 -20.94
C GLY B 34 -13.63 1.84 -22.28
N PHE B 35 -12.31 1.71 -22.48
CA PHE B 35 -11.63 2.24 -23.66
C PHE B 35 -10.52 1.29 -24.04
N THR B 36 -10.32 1.08 -25.35
CA THR B 36 -9.26 0.19 -25.80
C THR B 36 -8.86 0.55 -27.22
N ASN B 37 -7.62 0.21 -27.58
CA ASN B 37 -7.19 0.40 -28.96
C ASN B 37 -7.65 -0.72 -29.88
N ASN B 38 -8.15 -1.84 -29.34
CA ASN B 38 -8.44 -3.02 -30.17
C ASN B 38 -9.46 -3.87 -29.41
N LEU B 39 -10.75 -3.67 -29.72
CA LEU B 39 -11.81 -4.38 -29.03
C LEU B 39 -11.69 -5.89 -29.23
N LYS B 40 -11.30 -6.31 -30.42
CA LYS B 40 -11.17 -7.75 -30.68
C LYS B 40 -10.08 -8.37 -29.81
N ARG B 41 -8.89 -7.78 -29.81
CA ARG B 41 -7.84 -8.34 -28.96
C ARG B 41 -8.17 -8.17 -27.47
N ALA B 42 -8.89 -7.10 -27.11
CA ALA B 42 -9.31 -6.93 -25.72
C ALA B 42 -10.11 -8.12 -25.22
N ASN B 43 -10.81 -8.82 -26.11
CA ASN B 43 -11.64 -9.95 -25.76
C ASN B 43 -11.02 -11.29 -26.11
N GLN B 44 -9.76 -11.29 -26.57
CA GLN B 44 -9.09 -12.54 -26.90
C GLN B 44 -8.49 -13.14 -25.64
N ALA B 45 -8.78 -14.41 -25.38
CA ALA B 45 -8.37 -15.04 -24.13
C ALA B 45 -7.02 -15.74 -24.32
N PHE B 46 -6.08 -15.44 -23.43
CA PHE B 46 -4.72 -15.98 -23.45
C PHE B 46 -4.42 -16.68 -22.14
N LEU B 47 -3.34 -17.46 -22.12
CA LEU B 47 -2.80 -17.92 -20.85
C LEU B 47 -2.52 -16.72 -19.96
N PRO B 48 -2.88 -16.78 -18.67
CA PRO B 48 -2.59 -15.64 -17.79
C PRO B 48 -1.14 -15.54 -17.36
N ALA B 49 -0.38 -16.63 -17.43
CA ALA B 49 0.98 -16.65 -16.89
C ALA B 49 0.99 -16.08 -15.49
N SER B 50 1.98 -15.26 -15.14
CA SER B 50 2.10 -14.87 -13.73
C SER B 50 1.04 -13.89 -13.25
N THR B 51 0.17 -13.36 -14.14
CA THR B 51 -1.00 -12.66 -13.60
C THR B 51 -1.88 -13.58 -12.78
N PHE B 52 -1.73 -14.90 -12.96
CA PHE B 52 -2.46 -15.86 -12.15
C PHE B 52 -2.05 -15.79 -10.69
N KCX B 53 -0.92 -15.17 -10.39
CA KCX B 53 -0.52 -15.04 -8.98
CB KCX B 53 0.89 -14.46 -8.85
CG KCX B 53 1.97 -15.47 -9.28
CD KCX B 53 3.39 -14.97 -9.00
CE KCX B 53 4.43 -16.05 -9.35
NZ KCX B 53 4.37 -16.36 -10.80
C KCX B 53 -1.56 -14.27 -8.16
O KCX B 53 -1.61 -14.43 -6.93
CX KCX B 53 3.72 -17.43 -11.27
OQ1 KCX B 53 3.18 -18.23 -10.47
OQ2 KCX B 53 3.68 -17.64 -12.49
N ILE B 54 -2.39 -13.45 -8.80
CA ILE B 54 -3.46 -12.76 -8.09
C ILE B 54 -4.50 -13.77 -7.52
N PRO B 55 -5.22 -14.50 -8.37
CA PRO B 55 -6.17 -15.48 -7.81
C PRO B 55 -5.51 -16.57 -6.98
N ASN B 56 -4.30 -17.00 -7.37
CA ASN B 56 -3.60 -18.04 -6.61
C ASN B 56 -3.33 -17.57 -5.18
N SER B 57 -2.88 -16.31 -5.04
CA SER B 57 -2.66 -15.74 -3.71
C SER B 57 -3.95 -15.73 -2.89
N LEU B 58 -5.05 -15.29 -3.52
CA LEU B 58 -6.32 -15.20 -2.79
C LEU B 58 -6.75 -16.57 -2.28
N ILE B 59 -6.62 -17.60 -3.12
CA ILE B 59 -7.06 -18.93 -2.72
C ILE B 59 -6.16 -19.47 -1.62
N ALA B 60 -4.84 -19.29 -1.77
CA ALA B 60 -3.92 -19.80 -0.76
C ALA B 60 -4.17 -19.14 0.61
N LEU B 61 -4.41 -17.84 0.62
CA LEU B 61 -4.73 -17.15 1.87
C LEU B 61 -6.05 -17.64 2.46
N ASP B 62 -7.09 -17.76 1.63
CA ASP B 62 -8.40 -18.07 2.19
C ASP B 62 -8.44 -19.48 2.77
N LEU B 63 -7.66 -20.40 2.22
CA LEU B 63 -7.59 -21.77 2.70
C LEU B 63 -6.55 -21.95 3.81
N GLY B 64 -5.78 -20.92 4.12
CA GLY B 64 -4.74 -21.05 5.13
C GLY B 64 -3.47 -21.73 4.65
N VAL B 65 -3.33 -21.98 3.35
CA VAL B 65 -2.06 -22.44 2.80
C VAL B 65 -0.98 -21.40 3.05
N VAL B 66 -1.34 -20.13 2.91
CA VAL B 66 -0.50 -19.01 3.30
C VAL B 66 -1.17 -18.35 4.50
N LYS B 67 -0.46 -18.30 5.63
CA LYS B 67 -1.08 -17.78 6.84
C LYS B 67 -1.22 -16.27 6.82
N ASP B 68 -0.20 -15.56 6.32
CA ASP B 68 -0.22 -14.11 6.23
C ASP B 68 0.90 -13.70 5.27
N GLU B 69 1.02 -12.39 5.05
CA GLU B 69 1.97 -11.89 4.06
C GLU B 69 3.41 -11.92 4.53
N HIS B 70 3.67 -12.29 5.80
CA HIS B 70 5.01 -12.35 6.36
C HIS B 70 5.57 -13.76 6.43
N GLN B 71 4.73 -14.77 6.27
CA GLN B 71 5.20 -16.14 6.40
C GLN B 71 6.28 -16.42 5.36
N VAL B 72 7.37 -17.04 5.80
CA VAL B 72 8.52 -17.27 4.93
C VAL B 72 8.41 -18.64 4.29
N PHE B 73 8.62 -18.67 2.98
CA PHE B 73 8.72 -19.91 2.22
C PHE B 73 10.17 -20.07 1.81
N LYS B 74 10.88 -20.98 2.50
CA LYS B 74 12.29 -21.18 2.29
C LYS B 74 12.59 -21.64 0.87
N TRP B 75 13.69 -21.11 0.32
CA TRP B 75 14.21 -21.63 -0.94
C TRP B 75 14.43 -23.12 -0.82
N ASP B 76 14.06 -23.86 -1.88
CA ASP B 76 14.25 -25.30 -1.88
C ASP B 76 15.69 -25.73 -2.21
N GLY B 77 16.59 -24.78 -2.44
CA GLY B 77 17.97 -25.09 -2.69
C GLY B 77 18.33 -25.41 -4.12
N GLN B 78 17.37 -25.39 -5.04
CA GLN B 78 17.65 -25.63 -6.45
C GLN B 78 17.96 -24.30 -7.11
N THR B 79 19.13 -24.19 -7.72
CA THR B 79 19.54 -22.95 -8.36
C THR B 79 18.82 -22.81 -9.70
N ARG B 80 17.98 -21.81 -9.83
CA ARG B 80 17.24 -21.55 -11.04
C ARG B 80 17.82 -20.35 -11.78
N ASP B 81 17.36 -20.16 -13.02
CA ASP B 81 17.99 -19.18 -13.91
C ASP B 81 17.77 -17.74 -13.45
N ILE B 82 16.69 -17.47 -12.72
CA ILE B 82 16.39 -16.12 -12.27
C ILE B 82 16.93 -15.97 -10.85
N ALA B 83 17.94 -15.11 -10.70
CA ALA B 83 18.69 -15.05 -9.44
C ALA B 83 17.80 -14.72 -8.25
N THR B 84 16.82 -13.82 -8.43
CA THR B 84 15.96 -13.45 -7.31
C THR B 84 15.10 -14.60 -6.81
N TRP B 85 14.98 -15.69 -7.57
CA TRP B 85 14.20 -16.83 -7.09
C TRP B 85 14.99 -17.71 -6.13
N ASN B 86 16.31 -17.58 -6.09
CA ASN B 86 17.18 -18.45 -5.30
C ASN B 86 17.39 -17.90 -3.88
N ARG B 87 16.29 -17.64 -3.18
CA ARG B 87 16.33 -17.12 -1.82
C ARG B 87 14.97 -17.36 -1.19
N ASP B 88 14.90 -17.16 0.13
CA ASP B 88 13.63 -17.24 0.84
C ASP B 88 12.72 -16.08 0.43
N HIS B 89 11.41 -16.33 0.44
CA HIS B 89 10.44 -15.32 0.05
C HIS B 89 9.23 -15.36 0.99
N ASN B 90 8.55 -14.22 1.08
CA ASN B 90 7.19 -14.17 1.61
C ASN B 90 6.23 -13.85 0.47
N LEU B 91 4.95 -13.69 0.81
CA LEU B 91 3.97 -13.43 -0.25
C LEU B 91 4.28 -12.14 -1.00
N ILE B 92 4.71 -11.09 -0.28
CA ILE B 92 5.00 -9.80 -0.90
C ILE B 92 6.12 -9.96 -1.92
N THR B 93 7.24 -10.56 -1.51
CA THR B 93 8.39 -10.64 -2.42
C THR B 93 8.20 -11.72 -3.47
N ALA B 94 7.46 -12.77 -3.17
CA ALA B 94 7.19 -13.77 -4.21
C ALA B 94 6.34 -13.17 -5.34
N MET B 95 5.42 -12.26 -4.99
N MET B 95 5.38 -12.31 -4.98
CA MET B 95 4.66 -11.61 -6.05
CA MET B 95 4.64 -11.56 -5.99
C MET B 95 5.53 -10.59 -6.78
C MET B 95 5.59 -10.66 -6.78
N LYS B 96 6.33 -9.82 -6.05
CA LYS B 96 7.16 -8.78 -6.67
C LYS B 96 8.12 -9.37 -7.71
N TYR B 97 8.75 -10.50 -7.39
CA TYR B 97 9.75 -11.11 -8.26
C TYR B 97 9.17 -12.25 -9.09
N SER B 98 7.84 -12.41 -9.08
N SER B 98 7.85 -12.43 -9.04
CA SER B 98 7.15 -13.45 -9.87
CA SER B 98 7.14 -13.44 -9.84
C SER B 98 7.78 -14.83 -9.66
C SER B 98 7.77 -14.82 -9.65
N VAL B 99 7.89 -15.22 -8.39
CA VAL B 99 8.62 -16.44 -8.03
C VAL B 99 7.76 -17.68 -8.26
N VAL B 100 7.79 -18.16 -9.50
CA VAL B 100 7.00 -19.34 -9.88
C VAL B 100 7.09 -20.50 -8.89
N PRO B 101 8.29 -20.95 -8.47
CA PRO B 101 8.33 -22.17 -7.64
C PRO B 101 7.58 -22.03 -6.32
N VAL B 102 7.56 -20.82 -5.76
CA VAL B 102 6.79 -20.62 -4.53
C VAL B 102 5.31 -20.83 -4.79
N TYR B 103 4.81 -20.24 -5.89
CA TYR B 103 3.39 -20.36 -6.23
C TYR B 103 3.03 -21.78 -6.69
N GLN B 104 3.99 -22.50 -7.27
CA GLN B 104 3.72 -23.90 -7.60
C GLN B 104 3.47 -24.71 -6.34
N GLU B 105 4.25 -24.45 -5.27
CA GLU B 105 4.01 -25.12 -4.01
C GLU B 105 2.66 -24.75 -3.42
N PHE B 106 2.28 -23.46 -3.48
CA PHE B 106 0.94 -23.07 -3.05
C PHE B 106 -0.11 -23.91 -3.78
N ALA B 107 0.04 -24.02 -5.11
CA ALA B 107 -0.97 -24.66 -5.94
C ALA B 107 -1.09 -26.14 -5.59
N ARG B 108 0.03 -26.82 -5.36
CA ARG B 108 -0.04 -28.22 -4.95
C ARG B 108 -0.76 -28.38 -3.63
N GLN B 109 -0.53 -27.47 -2.69
CA GLN B 109 -1.21 -27.57 -1.40
C GLN B 109 -2.70 -27.26 -1.52
N ILE B 110 -3.06 -26.28 -2.35
CA ILE B 110 -4.47 -26.02 -2.65
C ILE B 110 -5.13 -27.27 -3.21
N GLY B 111 -4.49 -27.88 -4.21
CA GLY B 111 -4.99 -29.09 -4.83
C GLY B 111 -6.01 -28.80 -5.93
N GLU B 112 -6.16 -29.78 -6.82
CA GLU B 112 -6.97 -29.54 -8.03
C GLU B 112 -8.44 -29.30 -7.69
N ALA B 113 -8.99 -30.06 -6.74
CA ALA B 113 -10.41 -29.93 -6.46
C ALA B 113 -10.76 -28.54 -5.93
N ARG B 114 -9.97 -28.04 -4.98
CA ARG B 114 -10.23 -26.71 -4.43
C ARG B 114 -9.88 -25.61 -5.43
N MET B 115 -8.83 -25.81 -6.24
CA MET B 115 -8.47 -24.80 -7.23
C MET B 115 -9.60 -24.62 -8.24
N SER B 116 -10.13 -25.74 -8.75
N SER B 116 -10.15 -25.73 -8.74
CA SER B 116 -11.21 -25.65 -9.73
CA SER B 116 -11.21 -25.63 -9.74
C SER B 116 -12.46 -25.00 -9.12
C SER B 116 -12.49 -25.03 -9.15
N LYS B 117 -12.80 -25.39 -7.90
CA LYS B 117 -14.00 -24.85 -7.26
C LYS B 117 -13.86 -23.34 -7.06
N MET B 118 -12.66 -22.88 -6.70
N MET B 118 -12.66 -22.87 -6.69
CA MET B 118 -12.48 -21.46 -6.41
CA MET B 118 -12.46 -21.46 -6.42
C MET B 118 -12.44 -20.62 -7.69
C MET B 118 -12.46 -20.63 -7.70
N LEU B 119 -11.84 -21.14 -8.76
CA LEU B 119 -11.87 -20.40 -10.02
C LEU B 119 -13.29 -20.30 -10.58
N HIS B 120 -14.10 -21.34 -10.37
CA HIS B 120 -15.51 -21.22 -10.72
C HIS B 120 -16.20 -20.15 -9.89
N ALA B 121 -15.93 -20.13 -8.59
CA ALA B 121 -16.53 -19.11 -7.73
C ALA B 121 -16.10 -17.70 -8.14
N PHE B 122 -14.86 -17.56 -8.62
CA PHE B 122 -14.31 -16.28 -9.07
C PHE B 122 -14.79 -15.89 -10.47
N ASP B 123 -15.46 -16.80 -11.20
CA ASP B 123 -15.87 -16.53 -12.57
C ASP B 123 -14.65 -16.23 -13.45
N TYR B 124 -13.54 -16.93 -13.19
CA TYR B 124 -12.22 -16.50 -13.69
C TYR B 124 -11.95 -17.13 -15.06
N GLY B 125 -11.97 -16.28 -16.10
CA GLY B 125 -11.62 -16.77 -17.43
C GLY B 125 -12.45 -17.96 -17.84
N ASN B 126 -11.81 -18.95 -18.45
CA ASN B 126 -12.54 -20.15 -18.84
C ASN B 126 -12.59 -21.20 -17.73
N GLU B 127 -12.04 -20.89 -16.56
CA GLU B 127 -12.13 -21.72 -15.36
C GLU B 127 -11.49 -23.10 -15.52
N ASP B 128 -10.66 -23.30 -16.55
CA ASP B 128 -10.17 -24.61 -16.94
C ASP B 128 -8.78 -24.84 -16.34
N ILE B 129 -8.65 -25.82 -15.44
CA ILE B 129 -7.36 -26.10 -14.82
C ILE B 129 -6.68 -27.33 -15.42
N SER B 130 -7.05 -27.70 -16.65
N SER B 130 -7.05 -27.70 -16.65
CA SER B 130 -6.47 -28.86 -17.30
CA SER B 130 -6.48 -28.89 -17.28
C SER B 130 -4.96 -28.73 -17.38
C SER B 130 -4.97 -28.74 -17.42
N GLY B 131 -4.28 -29.85 -17.24
CA GLY B 131 -2.84 -29.86 -17.13
C GLY B 131 -2.49 -30.20 -15.69
N ASN B 132 -1.34 -29.75 -15.23
CA ASN B 132 -0.97 -29.99 -13.85
C ASN B 132 -1.45 -28.84 -12.99
N VAL B 133 -1.91 -29.15 -11.78
CA VAL B 133 -2.39 -28.11 -10.87
C VAL B 133 -1.31 -27.08 -10.57
N ASP B 134 -0.04 -27.47 -10.72
CA ASP B 134 1.06 -26.55 -10.43
C ASP B 134 1.70 -25.93 -11.67
N SER B 135 1.05 -26.03 -12.83
CA SER B 135 1.58 -25.33 -14.00
C SER B 135 0.51 -24.93 -15.01
N PHE B 136 -0.78 -25.13 -14.74
CA PHE B 136 -1.78 -24.91 -15.79
C PHE B 136 -1.82 -23.47 -16.28
N TRP B 137 -1.42 -22.51 -15.44
CA TRP B 137 -1.44 -21.11 -15.83
C TRP B 137 -0.25 -20.73 -16.69
N LEU B 138 0.73 -21.63 -16.80
CA LEU B 138 1.90 -21.44 -17.63
C LEU B 138 1.88 -22.28 -18.89
N ASP B 139 1.30 -23.49 -18.84
CA ASP B 139 1.32 -24.35 -20.01
C ASP B 139 0.09 -25.23 -20.11
N GLY B 140 -1.00 -24.89 -19.42
CA GLY B 140 -2.20 -25.70 -19.42
C GLY B 140 -3.34 -25.04 -20.17
N GLY B 141 -4.56 -25.28 -19.72
CA GLY B 141 -5.71 -24.93 -20.51
C GLY B 141 -6.45 -23.67 -20.11
N ILE B 142 -6.01 -23.00 -19.05
N ILE B 142 -6.00 -22.98 -19.06
CA ILE B 142 -6.71 -21.81 -18.59
CA ILE B 142 -6.72 -21.81 -18.61
C ILE B 142 -6.49 -20.67 -19.59
C ILE B 142 -6.48 -20.65 -19.56
N ARG B 143 -7.53 -19.88 -19.82
CA ARG B 143 -7.46 -18.75 -20.73
C ARG B 143 -8.30 -17.61 -20.18
N ILE B 144 -7.79 -16.39 -20.29
CA ILE B 144 -8.52 -15.22 -19.82
C ILE B 144 -8.21 -14.04 -20.73
N SER B 145 -9.23 -13.23 -21.01
CA SER B 145 -9.04 -12.07 -21.86
C SER B 145 -8.77 -10.83 -21.02
N ALA B 146 -8.33 -9.76 -21.68
CA ALA B 146 -8.07 -8.52 -20.98
C ALA B 146 -9.33 -7.97 -20.33
N THR B 147 -10.49 -8.04 -21.02
CA THR B 147 -11.71 -7.56 -20.38
C THR B 147 -12.13 -8.46 -19.22
N GLU B 148 -11.89 -9.77 -19.32
CA GLU B 148 -12.14 -10.65 -18.18
C GLU B 148 -11.22 -10.31 -17.02
N GLN B 149 -9.99 -9.90 -17.30
CA GLN B 149 -9.10 -9.48 -16.21
C GLN B 149 -9.66 -8.26 -15.50
N ILE B 150 -10.13 -7.27 -16.27
CA ILE B 150 -10.77 -6.08 -15.70
C ILE B 150 -11.92 -6.48 -14.77
N SER B 151 -12.80 -7.36 -15.26
N SER B 151 -12.81 -7.37 -15.25
CA SER B 151 -13.96 -7.78 -14.46
CA SER B 151 -13.97 -7.75 -14.45
C SER B 151 -13.52 -8.40 -13.14
C SER B 151 -13.53 -8.40 -13.14
N PHE B 152 -12.52 -9.28 -13.20
CA PHE B 152 -11.99 -9.90 -11.99
C PHE B 152 -11.39 -8.86 -11.05
N LEU B 153 -10.59 -7.95 -11.58
CA LEU B 153 -9.93 -6.94 -10.77
C LEU B 153 -10.95 -6.01 -10.10
N ARG B 154 -12.03 -5.67 -10.81
CA ARG B 154 -13.05 -4.81 -10.21
C ARG B 154 -13.71 -5.49 -9.02
N LYS B 155 -13.98 -6.79 -9.13
CA LYS B 155 -14.51 -7.51 -7.97
C LYS B 155 -13.52 -7.47 -6.82
N LEU B 156 -12.24 -7.71 -7.10
CA LEU B 156 -11.22 -7.66 -6.05
C LEU B 156 -11.17 -6.28 -5.40
N TYR B 157 -11.14 -5.23 -6.22
CA TYR B 157 -11.11 -3.87 -5.69
C TYR B 157 -12.25 -3.63 -4.70
N HIS B 158 -13.45 -4.13 -5.02
CA HIS B 158 -14.65 -3.90 -4.22
C HIS B 158 -14.89 -4.98 -3.15
N ASN B 159 -13.93 -5.87 -2.94
CA ASN B 159 -14.05 -6.97 -1.96
C ASN B 159 -15.25 -7.86 -2.25
N LYS B 160 -15.58 -8.04 -3.53
CA LYS B 160 -16.76 -8.79 -3.94
C LYS B 160 -16.47 -10.23 -4.35
N LEU B 161 -15.21 -10.66 -4.35
CA LEU B 161 -14.93 -12.05 -4.68
C LEU B 161 -15.35 -12.94 -3.52
N HIS B 162 -15.58 -14.22 -3.84
CA HIS B 162 -16.06 -15.21 -2.87
C HIS B 162 -14.91 -15.80 -2.05
N VAL B 163 -14.18 -14.91 -1.40
CA VAL B 163 -13.21 -15.21 -0.35
C VAL B 163 -13.35 -14.12 0.70
N SER B 164 -12.63 -14.25 1.81
CA SER B 164 -12.81 -13.28 2.89
C SER B 164 -12.31 -11.90 2.48
N GLU B 165 -12.85 -10.89 3.15
CA GLU B 165 -12.33 -9.53 2.97
C GLU B 165 -10.85 -9.49 3.31
N ARG B 166 -10.43 -10.22 4.35
CA ARG B 166 -9.01 -10.21 4.74
C ARG B 166 -8.13 -10.70 3.60
N SER B 167 -8.50 -11.82 2.97
CA SER B 167 -7.68 -12.33 1.87
C SER B 167 -7.58 -11.30 0.75
N GLN B 168 -8.69 -10.61 0.44
CA GLN B 168 -8.66 -9.62 -0.62
C GLN B 168 -7.79 -8.43 -0.25
N ARG B 169 -7.86 -7.96 0.99
CA ARG B 169 -7.02 -6.85 1.41
C ARG B 169 -5.53 -7.21 1.35
N ILE B 170 -5.17 -8.43 1.78
CA ILE B 170 -3.77 -8.83 1.75
C ILE B 170 -3.25 -8.87 0.32
N VAL B 171 -4.04 -9.43 -0.60
CA VAL B 171 -3.57 -9.52 -1.98
C VAL B 171 -3.43 -8.14 -2.62
N LYS B 172 -4.37 -7.23 -2.34
CA LYS B 172 -4.24 -5.86 -2.84
C LYS B 172 -2.99 -5.18 -2.29
N GLN B 173 -2.65 -5.45 -1.03
CA GLN B 173 -1.38 -4.97 -0.49
C GLN B 173 -0.20 -5.53 -1.27
N ALA B 174 -0.21 -6.85 -1.52
CA ALA B 174 0.89 -7.50 -2.22
C ALA B 174 1.03 -7.01 -3.65
N MET B 175 -0.07 -6.53 -4.25
CA MET B 175 -0.03 -6.01 -5.61
C MET B 175 0.60 -4.63 -5.71
N LEU B 176 0.85 -3.96 -4.58
CA LEU B 176 1.40 -2.61 -4.63
C LEU B 176 2.67 -2.57 -5.46
N THR B 177 2.69 -1.70 -6.46
CA THR B 177 3.82 -1.59 -7.38
C THR B 177 4.51 -0.24 -7.33
N GLU B 178 3.74 0.84 -7.26
CA GLU B 178 4.31 2.18 -7.27
C GLU B 178 3.32 3.11 -6.57
N ALA B 179 3.85 4.09 -5.84
CA ALA B 179 2.98 5.07 -5.22
C ALA B 179 3.74 6.37 -5.01
N ASN B 180 3.03 7.48 -5.19
CA ASN B 180 3.55 8.79 -4.88
C ASN B 180 2.37 9.71 -4.59
N GLY B 181 2.62 11.01 -4.53
CA GLY B 181 1.56 11.96 -4.25
C GLY B 181 0.54 12.13 -5.36
N ASP B 182 0.80 11.56 -6.53
CA ASP B 182 -0.11 11.67 -7.67
C ASP B 182 -0.96 10.44 -7.90
N TYR B 183 -0.47 9.25 -7.59
CA TYR B 183 -1.22 8.05 -7.92
C TYR B 183 -0.64 6.86 -7.15
N ILE B 184 -1.43 5.77 -7.12
CA ILE B 184 -1.00 4.47 -6.61
C ILE B 184 -1.29 3.46 -7.70
N ILE B 185 -0.31 2.60 -8.01
CA ILE B 185 -0.51 1.50 -8.97
C ILE B 185 -0.42 0.19 -8.20
N ARG B 186 -1.46 -0.64 -8.32
CA ARG B 186 -1.47 -2.01 -7.84
C ARG B 186 -1.61 -2.88 -9.07
N ALA B 187 -0.70 -3.81 -9.27
CA ALA B 187 -0.67 -4.51 -10.55
C ALA B 187 0.16 -5.78 -10.47
N LYS B 188 0.09 -6.56 -11.55
CA LYS B 188 0.86 -7.79 -11.66
C LYS B 188 1.27 -8.01 -13.12
N THR B 189 2.54 -8.31 -13.34
CA THR B 189 3.07 -8.65 -14.66
C THR B 189 2.92 -10.14 -14.95
N GLY B 190 2.99 -10.49 -16.23
CA GLY B 190 3.04 -11.88 -16.63
C GLY B 190 3.75 -12.01 -17.96
N TYR B 191 4.32 -13.19 -18.20
CA TYR B 191 5.04 -13.46 -19.44
C TYR B 191 5.08 -14.97 -19.66
N ASP B 192 4.71 -15.42 -20.87
CA ASP B 192 4.61 -16.84 -21.16
C ASP B 192 5.53 -17.30 -22.28
N THR B 193 6.53 -16.48 -22.64
CA THR B 193 7.44 -16.69 -23.77
C THR B 193 6.84 -16.25 -25.11
N LYS B 194 5.53 -16.05 -25.17
CA LYS B 194 4.88 -15.57 -26.39
C LYS B 194 4.22 -14.21 -26.22
N ILE B 195 3.56 -13.96 -25.11
CA ILE B 195 2.94 -12.67 -24.84
C ILE B 195 3.32 -12.20 -23.45
N GLY B 196 3.29 -10.88 -23.27
CA GLY B 196 3.49 -10.28 -21.98
C GLY B 196 2.22 -9.57 -21.53
N TRP B 197 1.98 -9.56 -20.22
CA TRP B 197 0.81 -8.95 -19.62
C TRP B 197 1.22 -7.91 -18.58
N TRP B 198 0.37 -6.89 -18.39
CA TRP B 198 0.37 -6.10 -17.16
C TRP B 198 -1.08 -5.77 -16.84
N VAL B 199 -1.55 -6.14 -15.65
CA VAL B 199 -2.94 -5.91 -15.26
C VAL B 199 -2.97 -5.30 -13.87
N GLY B 200 -3.94 -4.43 -13.63
CA GLY B 200 -4.03 -3.82 -12.30
C GLY B 200 -4.93 -2.59 -12.33
N TRP B 201 -4.58 -1.61 -11.51
CA TRP B 201 -5.34 -0.37 -11.52
C TRP B 201 -4.50 0.77 -11.00
N VAL B 202 -4.96 1.98 -11.29
CA VAL B 202 -4.36 3.23 -10.83
C VAL B 202 -5.38 3.91 -9.94
N GLU B 203 -5.02 4.11 -8.66
CA GLU B 203 -5.88 4.84 -7.74
C GLU B 203 -5.52 6.32 -7.75
N LEU B 204 -6.52 7.17 -7.99
CA LEU B 204 -6.41 8.61 -7.85
C LEU B 204 -7.21 9.05 -6.63
N ASP B 205 -7.08 10.34 -6.29
CA ASP B 205 -7.83 10.86 -5.15
C ASP B 205 -9.33 10.60 -5.29
N ASP B 206 -9.88 10.75 -6.50
CA ASP B 206 -11.33 10.73 -6.65
C ASP B 206 -11.80 9.78 -7.76
N ASN B 207 -10.96 8.84 -8.19
CA ASN B 207 -11.36 7.87 -9.19
C ASN B 207 -10.37 6.71 -9.14
N VAL B 208 -10.76 5.62 -9.80
N VAL B 208 -10.73 5.61 -9.80
CA VAL B 208 -9.89 4.49 -10.05
CA VAL B 208 -9.81 4.50 -10.01
C VAL B 208 -9.97 4.18 -11.54
C VAL B 208 -9.96 4.02 -11.45
N TRP B 209 -8.82 3.88 -12.13
CA TRP B 209 -8.75 3.45 -13.53
C TRP B 209 -8.18 2.03 -13.54
N PHE B 210 -8.99 1.06 -13.94
CA PHE B 210 -8.49 -0.30 -14.09
C PHE B 210 -7.82 -0.43 -15.44
N PHE B 211 -6.80 -1.30 -15.52
CA PHE B 211 -6.14 -1.53 -16.79
C PHE B 211 -5.78 -2.99 -16.97
N ALA B 212 -5.77 -3.42 -18.23
CA ALA B 212 -5.22 -4.72 -18.58
C ALA B 212 -4.62 -4.58 -19.96
N MET B 213 -3.35 -4.96 -20.09
CA MET B 213 -2.68 -4.91 -21.38
C MET B 213 -2.00 -6.24 -21.64
N ASN B 214 -1.95 -6.62 -22.91
CA ASN B 214 -1.04 -7.68 -23.31
C ASN B 214 -0.43 -7.31 -24.64
N MET B 215 0.73 -7.90 -24.93
CA MET B 215 1.43 -7.58 -26.16
C MET B 215 2.26 -8.80 -26.60
N ASP B 216 2.53 -8.86 -27.89
CA ASP B 216 3.41 -9.92 -28.39
C ASP B 216 4.82 -9.70 -27.83
N MET B 217 5.43 -10.79 -27.37
CA MET B 217 6.71 -10.71 -26.67
C MET B 217 7.59 -11.85 -27.16
N PRO B 218 8.18 -11.71 -28.36
CA PRO B 218 9.00 -12.80 -28.91
C PRO B 218 10.26 -13.08 -28.10
N THR B 219 10.87 -12.08 -27.48
CA THR B 219 12.02 -12.28 -26.59
C THR B 219 11.79 -11.49 -25.31
N SER B 220 12.56 -11.84 -24.28
CA SER B 220 12.44 -11.15 -23.00
C SER B 220 13.03 -9.75 -23.03
N ASP B 221 13.75 -9.38 -24.09
CA ASP B 221 14.36 -8.05 -24.14
C ASP B 221 13.34 -6.93 -24.09
N GLY B 222 12.11 -7.18 -24.54
CA GLY B 222 11.08 -6.16 -24.56
C GLY B 222 10.16 -6.13 -23.37
N LEU B 223 10.48 -6.84 -22.28
CA LEU B 223 9.54 -6.93 -21.16
C LEU B 223 9.21 -5.58 -20.55
N GLY B 224 10.17 -4.66 -20.51
CA GLY B 224 9.87 -3.34 -19.96
C GLY B 224 8.88 -2.54 -20.77
N LEU B 225 8.60 -2.96 -22.00
CA LEU B 225 7.58 -2.28 -22.80
C LEU B 225 6.18 -2.46 -22.25
N ARG B 226 5.95 -3.52 -21.45
CA ARG B 226 4.64 -3.69 -20.83
C ARG B 226 4.25 -2.46 -20.03
N GLN B 227 5.12 -2.01 -19.13
CA GLN B 227 4.82 -0.84 -18.32
C GLN B 227 4.99 0.45 -19.11
N ALA B 228 6.00 0.52 -19.97
CA ALA B 228 6.27 1.76 -20.69
C ALA B 228 5.14 2.12 -21.63
N ILE B 229 4.62 1.14 -22.37
CA ILE B 229 3.52 1.41 -23.27
C ILE B 229 2.25 1.75 -22.49
N THR B 230 1.97 1.01 -21.42
CA THR B 230 0.81 1.32 -20.59
C THR B 230 0.91 2.73 -20.04
N LYS B 231 2.07 3.13 -19.54
CA LYS B 231 2.22 4.46 -19.00
C LYS B 231 2.09 5.55 -20.05
N GLU B 232 2.48 5.28 -21.30
CA GLU B 232 2.26 6.27 -22.37
C GLU B 232 0.77 6.50 -22.59
N VAL B 233 -0.03 5.43 -22.53
CA VAL B 233 -1.47 5.58 -22.64
C VAL B 233 -2.02 6.35 -21.44
N LEU B 234 -1.60 5.99 -20.23
CA LEU B 234 -2.05 6.70 -19.04
C LEU B 234 -1.68 8.18 -19.09
N LYS B 235 -0.48 8.49 -19.59
CA LYS B 235 -0.08 9.88 -19.74
C LYS B 235 -0.92 10.61 -20.79
N GLN B 236 -1.16 9.96 -21.93
CA GLN B 236 -1.95 10.60 -22.97
C GLN B 236 -3.35 10.93 -22.47
N GLU B 237 -3.92 10.05 -21.66
CA GLU B 237 -5.26 10.25 -21.12
C GLU B 237 -5.28 11.12 -19.87
N LYS B 238 -4.14 11.69 -19.48
CA LYS B 238 -4.05 12.60 -18.33
C LYS B 238 -4.36 11.90 -17.00
N ILE B 239 -4.19 10.59 -16.94
CA ILE B 239 -4.42 9.84 -15.71
C ILE B 239 -3.24 9.99 -14.77
N ILE B 240 -2.03 9.97 -15.32
CA ILE B 240 -0.81 10.23 -14.54
C ILE B 240 -0.06 11.36 -15.24
N PRO B 241 0.75 12.14 -14.54
CA PRO B 241 1.47 13.23 -15.21
C PRO B 241 2.63 12.73 -16.08
CL CL C . -1.05 -0.84 0.57
C1 GOL D . -16.10 18.64 6.56
C1 GOL D . -15.33 18.85 7.28
O1 GOL D . -15.53 19.83 6.05
O1 GOL D . -15.60 19.92 6.43
C2 GOL D . -15.66 18.49 8.05
C2 GOL D . -16.67 18.39 7.90
O2 GOL D . -16.25 19.42 8.89
O2 GOL D . -17.59 18.02 6.94
C3 GOL D . -16.02 17.02 8.41
C3 GOL D . -16.32 17.24 8.87
O3 GOL D . -17.12 17.06 9.26
O3 GOL D . -16.46 16.03 8.19
C1 EDO E . 7.65 6.35 -7.30
O1 EDO E . 6.83 7.08 -8.22
C2 EDO E . 8.05 7.24 -6.13
O2 EDO E . 9.30 6.80 -5.59
C1 GOL F . 10.99 -22.68 -2.77
C1 GOL F . 10.67 -22.71 -3.80
O1 GOL F . 12.09 -22.67 -3.65
O1 GOL F . 12.07 -22.76 -3.84
C2 GOL F . 9.82 -23.43 -3.47
C2 GOL F . 10.18 -23.93 -3.01
O2 GOL F . 10.25 -24.51 -4.23
O2 GOL F . 10.85 -24.07 -1.79
C3 GOL F . 8.88 -23.87 -2.32
C3 GOL F . 8.66 -23.70 -2.81
O3 GOL F . 8.21 -22.74 -1.88
O3 GOL F . 8.46 -23.30 -1.49
C1 PEG G . -18.01 -5.76 -10.14
O1 PEG G . -18.95 -6.75 -9.75
C2 PEG G . -17.83 -4.73 -9.06
O2 PEG G . -19.09 -4.27 -8.62
C3 PEG G . -19.02 -3.03 -7.94
C4 PEG G . -20.21 -2.87 -7.04
O4 PEG G . -20.12 -1.69 -6.26
#